data_6JKK
#
_entry.id   6JKK
#
_cell.length_a   59.221
_cell.length_b   61.617
_cell.length_c   94.054
_cell.angle_alpha   90.000
_cell.angle_beta   90.000
_cell.angle_gamma   90.000
#
_symmetry.space_group_name_H-M   'P 21 21 21'
#
loop_
_entity.id
_entity.type
_entity.pdbx_description
1 polymer 'Mitotic checkpoint control protein kinase BUB1'
2 non-polymer GLYCEROL
3 non-polymer DI(HYDROXYETHYL)ETHER
4 water water
#
_entity_poly.entity_id   1
_entity_poly.type   'polypeptide(L)'
_entity_poly.pdbx_seq_one_letter_code
;GAMDPEFNPFNVELISSLLESIDFSMYIEKLPHCQLVGHVKRLHPNTHLEVHNEKFEVSKMIGKGAYGSVYVGKHLKSGK
KVALKQERPTNYWEFYICLEIHSRLTSEQMIPSYAHIDYALVGNNSSVYISEFSDYGSLIGVCNKVKSVTNRNMDEYVVM
HLSCQMLDIVDHLHAMGIIHADIKPDNFLLMKPICADPNEVSLQLIDFGVSIDMKLFPDNQTFNYVHHDDLFKCIEMRTG
RPWTYQLDLYGLVSVMHVLLFGRYMEVVQRSPSTIWMPKTNVPRYFQRTMWENIFRTLLNIRDCRTMPNLQQLRTQLKCA
LAEKEKYVAEAISKFNTILQK
;
_entity_poly.pdbx_strand_id   A
#
# COMPACT_ATOMS: atom_id res chain seq x y z
N PHE A 7 -11.82 20.72 0.28
CA PHE A 7 -12.52 19.51 -0.13
C PHE A 7 -11.98 18.30 0.64
N ASN A 8 -12.88 17.46 1.13
CA ASN A 8 -12.52 16.20 1.76
C ASN A 8 -12.98 15.02 0.91
N PRO A 9 -12.03 14.30 0.30
CA PRO A 9 -12.31 13.18 -0.60
C PRO A 9 -12.59 11.88 0.14
N PHE A 10 -12.54 11.91 1.46
CA PHE A 10 -12.88 10.72 2.24
C PHE A 10 -14.30 10.80 2.79
N ASN A 11 -14.99 11.89 2.45
CA ASN A 11 -16.34 12.15 2.95
C ASN A 11 -17.33 11.04 2.56
N VAL A 12 -17.96 10.44 3.56
CA VAL A 12 -18.87 9.31 3.40
C VAL A 12 -20.02 9.61 2.43
N GLU A 13 -20.59 10.81 2.53
CA GLU A 13 -21.72 11.19 1.67
C GLU A 13 -21.26 11.47 0.23
N LEU A 14 -20.06 12.03 0.10
CA LEU A 14 -19.46 12.19 -1.23
C LEU A 14 -19.26 10.83 -1.88
N ILE A 15 -18.69 9.90 -1.11
CA ILE A 15 -18.48 8.53 -1.57
C ILE A 15 -19.77 7.87 -2.05
N SER A 16 -20.83 7.98 -1.26
CA SER A 16 -22.13 7.43 -1.65
C SER A 16 -22.61 8.08 -2.94
N SER A 17 -22.46 9.40 -3.02
CA SER A 17 -22.86 10.16 -4.20
C SER A 17 -22.11 9.70 -5.44
N LEU A 18 -20.80 9.53 -5.30
CA LEU A 18 -19.96 9.12 -6.42
C LEU A 18 -20.34 7.74 -6.95
N LEU A 19 -20.51 6.80 -6.03
CA LEU A 19 -20.88 5.43 -6.40
C LEU A 19 -22.25 5.39 -7.06
N GLU A 20 -23.17 6.21 -6.58
CA GLU A 20 -24.49 6.28 -7.19
C GLU A 20 -24.44 6.94 -8.56
N SER A 21 -23.52 7.89 -8.74
CA SER A 21 -23.40 8.61 -10.00
C SER A 21 -22.95 7.69 -11.14
N ILE A 22 -22.29 6.59 -10.79
CA ILE A 22 -21.82 5.64 -11.79
C ILE A 22 -22.56 4.31 -11.71
N ASP A 23 -23.68 4.28 -10.99
CA ASP A 23 -24.52 3.08 -10.88
C ASP A 23 -23.72 1.85 -10.47
N PHE A 24 -22.97 1.98 -9.38
CA PHE A 24 -22.08 0.92 -8.93
C PHE A 24 -22.82 -0.35 -8.50
N SER A 25 -23.93 -0.20 -7.77
CA SER A 25 -24.67 -1.35 -7.28
C SER A 25 -25.22 -2.19 -8.43
N MET A 26 -25.72 -1.52 -9.45
CA MET A 26 -26.19 -2.18 -10.66
C MET A 26 -25.07 -2.99 -11.33
N TYR A 27 -23.84 -2.49 -11.25
CA TYR A 27 -22.70 -3.21 -11.80
C TYR A 27 -22.33 -4.43 -10.98
N ILE A 28 -22.14 -4.28 -9.67
CA ILE A 28 -21.69 -5.42 -8.87
C ILE A 28 -22.72 -6.53 -8.77
N GLU A 29 -24.00 -6.18 -8.97
CA GLU A 29 -25.08 -7.17 -9.02
C GLU A 29 -24.91 -8.17 -10.18
N LYS A 30 -24.05 -7.82 -11.14
CA LYS A 30 -23.83 -8.64 -12.34
C LYS A 30 -22.54 -9.46 -12.30
N LEU A 31 -21.68 -9.18 -11.33
CA LEU A 31 -20.37 -9.81 -11.27
C LEU A 31 -20.45 -11.21 -10.67
N PRO A 32 -20.00 -12.22 -11.42
CA PRO A 32 -20.08 -13.61 -10.96
C PRO A 32 -19.25 -13.86 -9.70
N HIS A 33 -18.24 -13.06 -9.45
CA HIS A 33 -17.42 -13.27 -8.25
C HIS A 33 -17.89 -12.43 -7.06
N CYS A 34 -19.04 -11.78 -7.23
CA CYS A 34 -19.66 -11.05 -6.12
C CYS A 34 -21.00 -11.71 -5.82
N GLN A 35 -21.25 -11.99 -4.54
CA GLN A 35 -22.56 -12.47 -4.13
C GLN A 35 -23.22 -11.49 -3.18
N LEU A 36 -24.35 -10.95 -3.59
CA LEU A 36 -25.21 -10.17 -2.71
C LEU A 36 -25.98 -11.10 -1.77
N VAL A 37 -25.96 -10.78 -0.47
CA VAL A 37 -26.77 -11.52 0.50
C VAL A 37 -27.47 -10.55 1.45
N GLY A 38 -28.48 -11.04 2.17
CA GLY A 38 -29.15 -10.21 3.16
C GLY A 38 -28.22 -9.95 4.32
N HIS A 39 -27.73 -11.01 4.94
CA HIS A 39 -26.96 -10.87 6.17
C HIS A 39 -25.64 -11.64 6.09
N VAL A 40 -24.53 -10.93 6.30
CA VAL A 40 -23.21 -11.53 6.35
C VAL A 40 -22.88 -11.83 7.80
N LYS A 41 -22.56 -13.10 8.10
CA LYS A 41 -22.19 -13.50 9.46
C LYS A 41 -20.83 -12.91 9.85
N ARG A 42 -20.67 -12.67 11.14
CA ARG A 42 -19.38 -12.28 11.68
C ARG A 42 -18.39 -13.42 11.44
N LEU A 43 -17.21 -13.11 10.92
CA LEU A 43 -16.20 -14.14 10.69
C LEU A 43 -15.79 -14.76 12.01
N HIS A 44 -15.60 -16.08 12.02
CA HIS A 44 -15.20 -16.77 13.23
C HIS A 44 -14.18 -17.86 12.90
N PRO A 45 -13.16 -18.02 13.75
CA PRO A 45 -12.11 -19.02 13.49
C PRO A 45 -12.65 -20.46 13.34
N ASN A 46 -11.95 -21.26 12.55
CA ASN A 46 -12.27 -22.69 12.37
C ASN A 46 -13.67 -22.97 11.84
N THR A 47 -14.09 -22.17 10.85
CA THR A 47 -15.39 -22.35 10.22
C THR A 47 -15.22 -22.40 8.73
N HIS A 48 -16.34 -22.32 8.02
CA HIS A 48 -16.29 -22.26 6.57
C HIS A 48 -17.19 -21.14 6.05
N LEU A 49 -16.90 -20.71 4.83
CA LEU A 49 -17.61 -19.60 4.25
C LEU A 49 -17.76 -19.91 2.77
N GLU A 50 -18.94 -19.60 2.23
CA GLU A 50 -19.17 -19.81 0.81
C GLU A 50 -19.46 -18.50 0.07
N VAL A 51 -18.86 -18.36 -1.10
CA VAL A 51 -19.26 -17.33 -2.04
C VAL A 51 -19.68 -18.06 -3.31
N HIS A 52 -20.98 -18.13 -3.53
CA HIS A 52 -21.53 -18.91 -4.66
C HIS A 52 -21.14 -20.38 -4.55
N ASN A 53 -20.38 -20.88 -5.53
CA ASN A 53 -19.96 -22.28 -5.54
C ASN A 53 -18.63 -22.51 -4.81
N GLU A 54 -17.97 -21.43 -4.42
CA GLU A 54 -16.64 -21.53 -3.83
C GLU A 54 -16.69 -21.61 -2.31
N LYS A 55 -16.03 -22.62 -1.75
CA LYS A 55 -15.98 -22.80 -0.30
C LYS A 55 -14.60 -22.47 0.27
N PHE A 56 -14.59 -21.82 1.43
CA PHE A 56 -13.34 -21.39 2.05
C PHE A 56 -13.27 -21.87 3.48
N GLU A 57 -12.09 -22.28 3.92
CA GLU A 57 -11.85 -22.48 5.35
C GLU A 57 -11.59 -21.10 5.91
N VAL A 58 -12.17 -20.78 7.06
CA VAL A 58 -11.81 -19.58 7.80
C VAL A 58 -11.01 -20.06 9.01
N SER A 59 -9.70 -19.77 9.02
CA SER A 59 -8.80 -20.42 9.98
C SER A 59 -8.50 -19.62 11.24
N LYS A 60 -7.67 -18.59 11.10
CA LYS A 60 -7.14 -17.87 12.25
C LYS A 60 -7.32 -16.34 12.15
N MET A 61 -7.55 -15.71 13.29
CA MET A 61 -7.66 -14.25 13.34
C MET A 61 -6.30 -13.62 13.07
N ILE A 62 -6.27 -12.59 12.24
CA ILE A 62 -5.06 -11.80 12.06
C ILE A 62 -5.19 -10.50 12.83
N GLY A 63 -6.29 -9.79 12.57
CA GLY A 63 -6.55 -8.53 13.23
C GLY A 63 -8.03 -8.36 13.45
N LYS A 64 -8.41 -7.60 14.47
CA LYS A 64 -9.80 -7.45 14.84
C LYS A 64 -10.02 -6.07 15.44
N GLY A 65 -10.72 -5.20 14.71
CA GLY A 65 -10.96 -3.83 15.14
C GLY A 65 -12.40 -3.53 15.52
N ALA A 66 -12.70 -2.24 15.66
CA ALA A 66 -14.04 -1.81 16.06
C ALA A 66 -15.08 -2.03 14.95
N TYR A 67 -14.62 -1.96 13.70
CA TYR A 67 -15.52 -2.03 12.55
C TYR A 67 -15.15 -3.14 11.57
N GLY A 68 -14.35 -4.10 12.02
CA GLY A 68 -14.05 -5.26 11.20
C GLY A 68 -12.94 -6.14 11.72
N SER A 69 -12.51 -7.08 10.88
CA SER A 69 -11.45 -8.00 11.24
C SER A 69 -10.82 -8.57 9.97
N VAL A 70 -9.67 -9.20 10.12
CA VAL A 70 -9.02 -9.90 9.01
C VAL A 70 -8.70 -11.31 9.48
N TYR A 71 -9.03 -12.29 8.65
CA TYR A 71 -8.79 -13.70 8.96
C TYR A 71 -8.00 -14.34 7.84
N VAL A 72 -7.17 -15.32 8.16
CA VAL A 72 -6.49 -16.10 7.14
C VAL A 72 -7.27 -17.39 6.95
N GLY A 73 -7.40 -17.83 5.69
CA GLY A 73 -8.11 -19.06 5.40
C GLY A 73 -7.56 -19.73 4.16
N LYS A 74 -8.40 -20.52 3.49
CA LYS A 74 -7.97 -21.17 2.27
C LYS A 74 -9.13 -21.49 1.34
N HIS A 75 -8.94 -21.18 0.06
CA HIS A 75 -9.85 -21.63 -0.99
C HIS A 75 -9.57 -23.12 -1.23
N LEU A 76 -10.49 -23.97 -0.80
CA LEU A 76 -10.29 -25.41 -0.80
C LEU A 76 -9.97 -26.02 -2.18
N LYS A 77 -10.66 -25.54 -3.21
CA LYS A 77 -10.48 -26.04 -4.57
C LYS A 77 -9.06 -25.77 -5.07
N SER A 78 -8.59 -24.55 -4.82
CA SER A 78 -7.29 -24.09 -5.28
C SER A 78 -6.15 -24.52 -4.34
N GLY A 79 -6.45 -24.54 -3.05
CA GLY A 79 -5.41 -24.66 -2.04
C GLY A 79 -4.82 -23.30 -1.75
N LYS A 80 -5.32 -22.30 -2.47
CA LYS A 80 -4.83 -20.93 -2.36
C LYS A 80 -5.15 -20.35 -0.98
N LYS A 81 -4.11 -19.92 -0.27
CA LYS A 81 -4.27 -19.26 1.02
C LYS A 81 -4.81 -17.86 0.81
N VAL A 82 -5.89 -17.52 1.51
CA VAL A 82 -6.54 -16.24 1.30
C VAL A 82 -6.64 -15.41 2.58
N ALA A 83 -6.76 -14.10 2.42
CA ALA A 83 -7.11 -13.23 3.53
C ALA A 83 -8.58 -12.90 3.39
N LEU A 84 -9.31 -12.96 4.49
CA LEU A 84 -10.71 -12.57 4.48
C LEU A 84 -10.86 -11.29 5.29
N LYS A 85 -11.28 -10.22 4.63
CA LYS A 85 -11.43 -8.93 5.29
C LYS A 85 -12.89 -8.57 5.43
N GLN A 86 -13.34 -8.44 6.68
CA GLN A 86 -14.71 -8.09 6.97
C GLN A 86 -14.80 -6.66 7.46
N GLU A 87 -15.78 -5.91 6.98
CA GLU A 87 -15.95 -4.54 7.45
C GLU A 87 -17.41 -4.15 7.60
N ARG A 88 -17.71 -3.40 8.66
CA ARG A 88 -19.01 -2.79 8.90
C ARG A 88 -18.83 -1.28 9.05
N PRO A 89 -19.66 -0.48 8.36
CA PRO A 89 -20.66 -0.93 7.38
C PRO A 89 -19.97 -1.42 6.11
N THR A 90 -20.75 -1.97 5.20
CA THR A 90 -20.24 -2.49 3.94
C THR A 90 -19.38 -1.44 3.24
N ASN A 91 -18.14 -1.81 2.90
CA ASN A 91 -17.26 -0.91 2.18
C ASN A 91 -17.34 -1.17 0.69
N TYR A 92 -18.34 -0.57 0.04
CA TYR A 92 -18.49 -0.72 -1.40
C TYR A 92 -17.32 -0.05 -2.10
N TRP A 93 -16.88 1.07 -1.53
CA TRP A 93 -15.84 1.89 -2.14
C TRP A 93 -14.55 1.13 -2.38
N GLU A 94 -14.14 0.33 -1.41
CA GLU A 94 -12.94 -0.48 -1.56
C GLU A 94 -13.04 -1.41 -2.77
N PHE A 95 -14.20 -2.04 -2.97
CA PHE A 95 -14.44 -2.93 -4.09
C PHE A 95 -14.34 -2.13 -5.39
N TYR A 96 -14.96 -0.94 -5.41
CA TYR A 96 -14.88 -0.08 -6.59
C TYR A 96 -13.43 0.25 -6.99
N ILE A 97 -12.63 0.73 -6.04
CA ILE A 97 -11.24 1.08 -6.33
C ILE A 97 -10.47 -0.11 -6.91
N CYS A 98 -10.62 -1.26 -6.27
CA CYS A 98 -9.89 -2.45 -6.70
CA CYS A 98 -9.89 -2.45 -6.68
C CYS A 98 -10.29 -2.91 -8.08
N LEU A 99 -11.58 -2.86 -8.37
CA LEU A 99 -12.06 -3.19 -9.70
C LEU A 99 -11.44 -2.24 -10.73
N GLU A 100 -11.41 -0.95 -10.40
CA GLU A 100 -10.88 0.06 -11.34
C GLU A 100 -9.40 -0.12 -11.56
N ILE A 101 -8.65 -0.37 -10.48
CA ILE A 101 -7.23 -0.60 -10.63
C ILE A 101 -6.98 -1.73 -11.65
N HIS A 102 -7.67 -2.85 -11.46
CA HIS A 102 -7.42 -3.99 -12.34
C HIS A 102 -8.03 -3.79 -13.73
N SER A 103 -8.96 -2.85 -13.84
CA SER A 103 -9.51 -2.49 -15.14
C SER A 103 -8.53 -1.60 -15.92
N ARG A 104 -7.77 -0.79 -15.19
CA ARG A 104 -6.93 0.23 -15.84
C ARG A 104 -5.51 -0.24 -16.12
N LEU A 105 -5.10 -1.31 -15.43
CA LEU A 105 -3.77 -1.89 -15.60
C LEU A 105 -3.53 -2.30 -17.04
N THR A 106 -2.30 -2.08 -17.52
CA THR A 106 -1.88 -2.64 -18.81
C THR A 106 -0.64 -3.52 -18.67
N SER A 107 0.27 -3.14 -17.77
CA SER A 107 1.53 -3.86 -17.59
C SER A 107 1.34 -5.25 -17.00
N GLU A 108 1.86 -6.26 -17.69
CA GLU A 108 1.93 -7.62 -17.14
C GLU A 108 2.77 -7.57 -15.86
N GLN A 109 3.83 -6.76 -15.92
CA GLN A 109 4.74 -6.60 -14.78
C GLN A 109 4.06 -6.16 -13.49
N MET A 110 3.03 -5.33 -13.61
CA MET A 110 2.43 -4.66 -12.44
C MET A 110 1.17 -5.34 -11.88
N ILE A 111 0.62 -6.29 -12.61
CA ILE A 111 -0.60 -6.96 -12.15
C ILE A 111 -0.47 -7.60 -10.74
N PRO A 112 0.63 -8.35 -10.48
CA PRO A 112 0.79 -8.91 -9.12
C PRO A 112 1.06 -7.86 -8.03
N SER A 113 1.28 -6.59 -8.43
CA SER A 113 1.69 -5.56 -7.48
C SER A 113 0.53 -4.92 -6.74
N TYR A 114 -0.71 -5.25 -7.11
CA TYR A 114 -1.87 -4.67 -6.47
C TYR A 114 -2.80 -5.77 -6.01
N ALA A 115 -3.31 -5.67 -4.79
CA ALA A 115 -4.25 -6.64 -4.25
C ALA A 115 -5.41 -6.83 -5.22
N HIS A 116 -5.87 -8.07 -5.36
CA HIS A 116 -7.00 -8.39 -6.24
C HIS A 116 -8.08 -9.02 -5.36
N ILE A 117 -9.30 -8.49 -5.44
CA ILE A 117 -10.42 -9.10 -4.71
C ILE A 117 -10.93 -10.27 -5.54
N ASP A 118 -10.60 -11.48 -5.09
CA ASP A 118 -10.98 -12.69 -5.80
C ASP A 118 -12.48 -12.93 -5.71
N TYR A 119 -13.04 -12.66 -4.52
CA TYR A 119 -14.44 -12.87 -4.26
C TYR A 119 -14.97 -11.82 -3.28
N ALA A 120 -16.24 -11.48 -3.43
CA ALA A 120 -16.87 -10.48 -2.56
C ALA A 120 -18.21 -10.99 -2.07
N LEU A 121 -18.37 -11.01 -0.75
CA LEU A 121 -19.66 -11.31 -0.16
C LEU A 121 -20.18 -9.99 0.41
N VAL A 122 -21.29 -9.51 -0.14
CA VAL A 122 -21.79 -8.17 0.18
C VAL A 122 -23.20 -8.21 0.76
N GLY A 123 -23.31 -7.98 2.07
CA GLY A 123 -24.59 -7.99 2.74
C GLY A 123 -25.11 -6.60 3.05
N ASN A 124 -26.30 -6.53 3.61
CA ASN A 124 -26.88 -5.26 4.01
C ASN A 124 -26.00 -4.60 5.07
N ASN A 125 -25.38 -5.44 5.90
CA ASN A 125 -24.70 -5.02 7.13
C ASN A 125 -23.19 -4.90 7.00
N SER A 126 -22.59 -5.76 6.19
CA SER A 126 -21.14 -5.85 6.11
C SER A 126 -20.72 -6.52 4.83
N SER A 127 -19.44 -6.33 4.50
CA SER A 127 -18.83 -6.96 3.35
C SER A 127 -17.73 -7.90 3.82
N VAL A 128 -17.45 -8.92 3.03
CA VAL A 128 -16.24 -9.72 3.23
C VAL A 128 -15.54 -9.80 1.88
N TYR A 129 -14.31 -9.29 1.82
CA TYR A 129 -13.50 -9.35 0.61
C TYR A 129 -12.37 -10.36 0.78
N ILE A 130 -12.24 -11.23 -0.21
CA ILE A 130 -11.25 -12.30 -0.18
C ILE A 130 -10.12 -12.00 -1.18
N SER A 131 -8.90 -11.92 -0.67
CA SER A 131 -7.72 -11.64 -1.51
C SER A 131 -6.56 -12.59 -1.15
N GLU A 132 -5.46 -12.52 -1.88
CA GLU A 132 -4.35 -13.47 -1.65
C GLU A 132 -3.63 -13.22 -0.32
N PHE A 133 -3.32 -14.30 0.38
CA PHE A 133 -2.56 -14.25 1.63
C PHE A 133 -1.07 -14.44 1.33
N SER A 134 -0.23 -13.69 2.02
CA SER A 134 1.21 -13.84 1.86
C SER A 134 1.83 -14.60 3.02
N ASP A 135 2.59 -15.65 2.73
CA ASP A 135 3.30 -16.41 3.78
C ASP A 135 4.40 -15.57 4.44
N TYR A 136 4.83 -14.51 3.78
CA TYR A 136 5.90 -13.66 4.32
C TYR A 136 5.38 -12.46 5.11
N GLY A 137 4.13 -12.07 4.86
CA GLY A 137 3.50 -11.01 5.63
C GLY A 137 3.78 -9.63 5.06
N SER A 138 3.47 -8.61 5.86
CA SER A 138 3.66 -7.23 5.43
C SER A 138 5.10 -6.80 5.62
N LEU A 139 5.46 -5.64 5.11
CA LEU A 139 6.81 -5.09 5.32
C LEU A 139 7.12 -4.86 6.79
N ILE A 140 6.10 -4.55 7.59
CA ILE A 140 6.24 -4.42 9.03
C ILE A 140 6.71 -5.74 9.64
N GLY A 141 5.99 -6.81 9.33
CA GLY A 141 6.31 -8.13 9.86
C GLY A 141 7.69 -8.60 9.43
N VAL A 142 8.02 -8.35 8.17
CA VAL A 142 9.33 -8.68 7.63
C VAL A 142 10.43 -7.86 8.30
N CYS A 143 10.22 -6.55 8.38
CA CYS A 143 11.18 -5.64 9.00
C CYS A 143 11.50 -6.05 10.45
N ASN A 144 10.45 -6.43 11.17
CA ASN A 144 10.60 -6.78 12.56
C ASN A 144 11.24 -8.15 12.72
N LYS A 145 10.90 -9.07 11.83
CA LYS A 145 11.51 -10.40 11.88
C LYS A 145 13.01 -10.31 11.61
N VAL A 146 13.38 -9.48 10.62
CA VAL A 146 14.80 -9.29 10.28
C VAL A 146 15.58 -8.71 11.46
N LYS A 147 14.99 -7.74 12.14
CA LYS A 147 15.66 -7.12 13.28
C LYS A 147 15.74 -8.10 14.46
N SER A 148 14.74 -8.95 14.58
CA SER A 148 14.70 -9.97 15.64
C SER A 148 15.81 -10.99 15.45
N VAL A 149 16.02 -11.38 14.19
CA VAL A 149 17.01 -12.41 13.86
C VAL A 149 18.44 -11.87 13.84
N THR A 150 18.63 -10.68 13.30
CA THR A 150 19.99 -10.16 13.11
C THR A 150 20.44 -9.18 14.18
N ASN A 151 19.49 -8.67 14.97
CA ASN A 151 19.77 -7.58 15.91
C ASN A 151 20.41 -6.37 15.24
N ARG A 152 20.07 -6.17 13.97
CA ARG A 152 20.53 -5.02 13.20
C ARG A 152 19.35 -4.51 12.39
N ASN A 153 19.43 -3.27 11.91
CA ASN A 153 18.41 -2.77 10.99
C ASN A 153 18.47 -3.53 9.68
N MET A 154 17.39 -3.50 8.92
CA MET A 154 17.42 -4.05 7.56
C MET A 154 18.59 -3.43 6.81
N ASP A 155 19.32 -4.26 6.05
CA ASP A 155 20.50 -3.80 5.32
C ASP A 155 20.14 -2.69 4.34
N GLU A 156 20.98 -1.66 4.30
CA GLU A 156 20.71 -0.47 3.50
C GLU A 156 20.42 -0.80 2.04
N TYR A 157 21.18 -1.74 1.48
CA TYR A 157 21.02 -2.07 0.06
C TYR A 157 19.76 -2.90 -0.20
N VAL A 158 19.39 -3.75 0.75
CA VAL A 158 18.08 -4.41 0.67
C VAL A 158 16.97 -3.36 0.69
N VAL A 159 17.13 -2.33 1.52
CA VAL A 159 16.13 -1.25 1.56
C VAL A 159 16.08 -0.49 0.23
N MET A 160 17.25 -0.25 -0.39
CA MET A 160 17.26 0.40 -1.69
C MET A 160 16.49 -0.41 -2.71
N HIS A 161 16.66 -1.73 -2.68
CA HIS A 161 15.98 -2.62 -3.63
C HIS A 161 14.47 -2.57 -3.44
N LEU A 162 14.03 -2.65 -2.19
CA LEU A 162 12.61 -2.58 -1.86
C LEU A 162 12.03 -1.20 -2.16
N SER A 163 12.80 -0.15 -1.93
CA SER A 163 12.37 1.21 -2.23
C SER A 163 12.16 1.43 -3.73
N CYS A 164 13.05 0.84 -4.52
CA CYS A 164 12.96 0.93 -5.97
C CYS A 164 11.66 0.28 -6.43
N GLN A 165 11.33 -0.85 -5.83
CA GLN A 165 10.09 -1.53 -6.16
C GLN A 165 8.86 -0.72 -5.76
N MET A 166 8.88 -0.17 -4.55
CA MET A 166 7.73 0.59 -4.05
C MET A 166 7.51 1.81 -4.90
N LEU A 167 8.59 2.44 -5.35
CA LEU A 167 8.49 3.59 -6.24
C LEU A 167 7.82 3.19 -7.55
N ASP A 168 8.16 2.01 -8.06
CA ASP A 168 7.60 1.56 -9.33
C ASP A 168 6.10 1.31 -9.17
N ILE A 169 5.72 0.71 -8.05
CA ILE A 169 4.31 0.39 -7.80
C ILE A 169 3.46 1.65 -7.67
N VAL A 170 3.97 2.63 -6.93
CA VAL A 170 3.25 3.90 -6.74
C VAL A 170 3.19 4.71 -8.04
N ASP A 171 4.30 4.72 -8.78
CA ASP A 171 4.33 5.42 -10.07
C ASP A 171 3.24 4.90 -11.00
N HIS A 172 3.12 3.57 -11.12
CA HIS A 172 2.10 2.99 -11.98
C HIS A 172 0.70 3.23 -11.43
N LEU A 173 0.56 3.27 -10.10
CA LEU A 173 -0.75 3.54 -9.51
C LEU A 173 -1.20 4.98 -9.81
N HIS A 174 -0.29 5.93 -9.67
CA HIS A 174 -0.62 7.33 -9.94
C HIS A 174 -0.91 7.55 -11.43
N ALA A 175 -0.25 6.79 -12.29
CA ALA A 175 -0.48 6.90 -13.72
C ALA A 175 -1.90 6.49 -14.11
N MET A 176 -2.52 5.69 -13.24
CA MET A 176 -3.90 5.26 -13.40
C MET A 176 -4.87 6.22 -12.71
N GLY A 177 -4.35 7.28 -12.11
CA GLY A 177 -5.19 8.30 -11.49
C GLY A 177 -5.76 7.90 -10.13
N ILE A 178 -5.05 7.00 -9.44
CA ILE A 178 -5.48 6.55 -8.13
C ILE A 178 -4.48 6.96 -7.04
N ILE A 179 -4.99 7.54 -5.95
CA ILE A 179 -4.18 7.82 -4.77
C ILE A 179 -4.54 6.79 -3.71
N HIS A 180 -3.56 6.02 -3.25
CA HIS A 180 -3.84 4.97 -2.27
C HIS A 180 -4.36 5.59 -0.97
N ALA A 181 -3.69 6.67 -0.55
CA ALA A 181 -4.11 7.53 0.56
C ALA A 181 -3.88 6.98 1.98
N ASP A 182 -3.36 5.76 2.10
CA ASP A 182 -2.98 5.23 3.40
C ASP A 182 -1.72 4.37 3.28
N ILE A 183 -0.73 4.89 2.56
CA ILE A 183 0.51 4.13 2.37
C ILE A 183 1.32 4.07 3.66
N LYS A 184 1.58 2.86 4.13
CA LYS A 184 2.40 2.66 5.33
C LYS A 184 3.00 1.25 5.25
N PRO A 185 3.97 0.91 6.12
CA PRO A 185 4.64 -0.36 5.90
C PRO A 185 3.68 -1.56 5.93
N ASP A 186 2.58 -1.44 6.67
CA ASP A 186 1.55 -2.48 6.76
C ASP A 186 0.89 -2.79 5.42
N ASN A 187 0.90 -1.83 4.50
CA ASN A 187 0.14 -1.98 3.27
C ASN A 187 0.95 -2.43 2.05
N PHE A 188 2.21 -2.80 2.28
CA PHE A 188 2.97 -3.57 1.31
C PHE A 188 3.19 -4.97 1.86
N LEU A 189 2.74 -5.98 1.12
CA LEU A 189 3.01 -7.37 1.46
C LEU A 189 4.19 -7.85 0.65
N LEU A 190 5.04 -8.68 1.24
CA LEU A 190 6.07 -9.36 0.48
C LEU A 190 5.51 -10.69 0.03
N MET A 191 5.36 -10.85 -1.28
CA MET A 191 4.64 -12.00 -1.83
C MET A 191 5.58 -13.15 -2.13
N LYS A 192 6.84 -12.82 -2.36
CA LYS A 192 7.85 -13.83 -2.69
C LYS A 192 9.23 -13.27 -2.40
N PRO A 193 10.26 -14.14 -2.35
CA PRO A 193 11.61 -13.61 -2.07
C PRO A 193 12.07 -12.61 -3.13
N ILE A 194 13.09 -11.82 -2.84
CA ILE A 194 13.61 -10.84 -3.80
C ILE A 194 14.53 -11.53 -4.81
N CYS A 195 14.51 -11.07 -6.08
CA CYS A 195 15.56 -11.43 -7.05
C CYS A 195 16.57 -10.30 -7.14
N ALA A 196 17.81 -10.64 -7.48
CA ALA A 196 18.86 -9.64 -7.62
C ALA A 196 18.55 -8.53 -8.64
N ASP A 197 17.62 -8.79 -9.56
CA ASP A 197 17.20 -7.80 -10.55
C ASP A 197 16.20 -6.83 -9.91
N PRO A 198 16.53 -5.54 -9.85
CA PRO A 198 15.66 -4.59 -9.15
C PRO A 198 14.24 -4.47 -9.74
N ASN A 199 13.99 -5.05 -10.91
CA ASN A 199 12.74 -4.79 -11.65
C ASN A 199 11.59 -5.77 -11.49
N GLU A 200 11.87 -7.03 -11.17
CA GLU A 200 10.78 -7.96 -10.88
C GLU A 200 10.22 -7.62 -9.51
N VAL A 201 8.90 -7.53 -9.44
CA VAL A 201 8.24 -7.09 -8.22
C VAL A 201 7.97 -8.28 -7.29
N SER A 202 8.34 -8.12 -6.03
CA SER A 202 8.03 -9.12 -5.03
C SER A 202 7.05 -8.56 -4.00
N LEU A 203 6.77 -7.26 -4.13
CA LEU A 203 5.84 -6.57 -3.23
C LEU A 203 4.44 -6.41 -3.82
N GLN A 204 3.45 -6.27 -2.95
CA GLN A 204 2.07 -6.00 -3.38
C GLN A 204 1.44 -4.96 -2.47
N LEU A 205 0.86 -3.93 -3.07
CA LEU A 205 0.14 -2.89 -2.33
C LEU A 205 -1.29 -3.35 -2.06
N ILE A 206 -1.73 -3.21 -0.81
CA ILE A 206 -3.06 -3.70 -0.41
C ILE A 206 -3.85 -2.63 0.34
N ASP A 207 -5.13 -2.92 0.59
CA ASP A 207 -5.99 -2.11 1.44
C ASP A 207 -6.33 -0.74 0.83
N PHE A 208 -7.17 -0.78 -0.19
CA PHE A 208 -7.59 0.42 -0.91
C PHE A 208 -8.88 0.99 -0.34
N GLY A 209 -9.09 0.78 0.96
CA GLY A 209 -10.34 1.14 1.61
C GLY A 209 -10.68 2.62 1.64
N VAL A 210 -9.66 3.47 1.59
CA VAL A 210 -9.89 4.92 1.57
C VAL A 210 -9.20 5.59 0.39
N SER A 211 -8.99 4.84 -0.69
CA SER A 211 -8.27 5.37 -1.84
C SER A 211 -9.08 6.44 -2.56
N ILE A 212 -8.41 7.23 -3.39
CA ILE A 212 -9.07 8.33 -4.11
C ILE A 212 -8.95 8.12 -5.61
N ASP A 213 -10.07 8.21 -6.32
CA ASP A 213 -10.05 8.11 -7.78
C ASP A 213 -10.12 9.50 -8.40
N MET A 214 -9.00 9.97 -8.92
CA MET A 214 -8.91 11.30 -9.50
C MET A 214 -9.71 11.44 -10.80
N LYS A 215 -10.03 10.31 -11.43
CA LYS A 215 -10.78 10.32 -12.69
C LYS A 215 -12.25 10.70 -12.46
N LEU A 216 -12.68 10.70 -11.21
CA LEU A 216 -14.05 11.08 -10.86
C LEU A 216 -14.16 12.58 -10.58
N PHE A 217 -13.03 13.28 -10.66
CA PHE A 217 -13.00 14.71 -10.37
C PHE A 217 -12.50 15.48 -11.59
N PRO A 218 -12.79 16.80 -11.65
CA PRO A 218 -12.22 17.59 -12.74
C PRO A 218 -10.71 17.51 -12.77
N ASP A 219 -10.13 17.64 -13.96
CA ASP A 219 -8.72 17.94 -14.09
C ASP A 219 -8.46 19.13 -13.18
N ASN A 220 -7.30 19.12 -12.52
CA ASN A 220 -6.87 20.23 -11.64
C ASN A 220 -7.56 20.27 -10.27
N GLN A 221 -8.34 19.25 -9.96
CA GLN A 221 -8.90 19.08 -8.62
C GLN A 221 -7.78 18.88 -7.60
N THR A 222 -7.89 19.56 -6.45
CA THR A 222 -7.00 19.35 -5.33
C THR A 222 -7.82 19.19 -4.05
N PHE A 223 -7.16 18.79 -2.98
CA PHE A 223 -7.83 18.64 -1.68
C PHE A 223 -7.03 19.39 -0.61
N ASN A 224 -7.68 19.72 0.50
CA ASN A 224 -6.99 20.38 1.61
C ASN A 224 -7.45 19.87 2.97
N TYR A 225 -8.07 18.69 2.97
CA TYR A 225 -8.43 17.99 4.19
C TYR A 225 -7.15 17.71 4.97
N VAL A 226 -7.25 17.79 6.30
CA VAL A 226 -6.09 17.63 7.16
C VAL A 226 -6.32 16.52 8.18
N HIS A 227 -5.47 15.48 8.14
CA HIS A 227 -5.47 14.48 9.20
C HIS A 227 -5.19 15.22 10.51
N HIS A 228 -6.05 15.03 11.50
CA HIS A 228 -5.83 15.65 12.79
C HIS A 228 -4.53 15.14 13.41
N ASP A 229 -4.39 13.82 13.42
CA ASP A 229 -3.19 13.12 13.88
C ASP A 229 -1.95 13.66 13.16
N ASP A 230 -0.97 14.16 13.92
CA ASP A 230 0.20 14.79 13.32
C ASP A 230 1.15 13.82 12.61
N LEU A 231 1.18 12.56 13.04
CA LEU A 231 2.05 11.58 12.41
C LEU A 231 1.67 11.33 10.95
N PHE A 232 0.37 11.41 10.65
CA PHE A 232 -0.11 11.13 9.31
C PHE A 232 -0.37 12.39 8.47
N LYS A 233 -0.06 13.54 9.05
CA LYS A 233 -0.11 14.80 8.31
C LYS A 233 1.00 14.84 7.27
N CYS A 234 0.65 14.88 5.99
CA CYS A 234 1.66 15.15 4.96
C CYS A 234 2.08 16.61 5.05
N ILE A 235 3.08 17.00 4.27
CA ILE A 235 3.67 18.34 4.40
C ILE A 235 2.67 19.45 4.10
N GLU A 236 1.84 19.23 3.09
CA GLU A 236 0.83 20.22 2.70
C GLU A 236 -0.20 20.44 3.82
N MET A 237 -0.55 19.36 4.51
CA MET A 237 -1.52 19.43 5.61
C MET A 237 -0.98 20.20 6.80
N ARG A 238 0.34 20.20 6.97
CA ARG A 238 0.97 20.92 8.08
C ARG A 238 1.09 22.42 7.79
N THR A 239 0.95 22.78 6.52
CA THR A 239 1.31 24.12 6.06
C THR A 239 0.20 24.85 5.31
N GLY A 240 -1.04 24.47 5.59
CA GLY A 240 -2.20 25.12 4.98
C GLY A 240 -2.22 25.09 3.46
N ARG A 241 -1.86 23.95 2.87
CA ARG A 241 -1.77 23.85 1.42
C ARG A 241 -2.51 22.67 0.81
N PRO A 242 -2.98 22.84 -0.43
CA PRO A 242 -3.66 21.76 -1.16
C PRO A 242 -2.73 20.60 -1.50
N TRP A 243 -3.28 19.40 -1.65
CA TRP A 243 -2.50 18.21 -1.98
C TRP A 243 -3.33 17.26 -2.82
N THR A 244 -2.64 16.43 -3.61
CA THR A 244 -3.24 15.27 -4.24
C THR A 244 -2.29 14.10 -4.03
N TYR A 245 -1.47 13.82 -5.04
CA TYR A 245 -0.56 12.67 -5.00
C TYR A 245 0.54 12.78 -3.93
N GLN A 246 0.81 14.00 -3.45
CA GLN A 246 1.83 14.21 -2.42
C GLN A 246 1.58 13.34 -1.18
N LEU A 247 0.31 13.04 -0.92
CA LEU A 247 -0.07 12.24 0.26
C LEU A 247 0.55 10.85 0.23
N ASP A 248 0.56 10.25 -0.96
CA ASP A 248 1.16 8.94 -1.15
C ASP A 248 2.69 9.03 -1.08
N LEU A 249 3.23 10.09 -1.65
CA LEU A 249 4.68 10.26 -1.71
C LEU A 249 5.24 10.49 -0.30
N TYR A 250 4.43 11.14 0.53
CA TYR A 250 4.76 11.27 1.95
C TYR A 250 4.75 9.89 2.61
N GLY A 251 3.72 9.10 2.32
CA GLY A 251 3.60 7.75 2.86
C GLY A 251 4.77 6.87 2.47
N LEU A 252 5.19 7.02 1.20
CA LEU A 252 6.34 6.29 0.67
C LEU A 252 7.60 6.54 1.49
N VAL A 253 7.89 7.80 1.77
CA VAL A 253 9.05 8.15 2.59
C VAL A 253 8.94 7.53 3.97
N SER A 254 7.75 7.59 4.55
CA SER A 254 7.54 7.05 5.89
C SER A 254 7.90 5.57 5.91
N VAL A 255 7.58 4.84 4.84
CA VAL A 255 7.91 3.42 4.74
C VAL A 255 9.42 3.21 4.60
N MET A 256 10.05 3.99 3.72
CA MET A 256 11.49 3.92 3.55
C MET A 256 12.18 4.19 4.88
N HIS A 257 11.64 5.14 5.64
CA HIS A 257 12.22 5.51 6.94
C HIS A 257 12.16 4.36 7.95
N VAL A 258 11.04 3.65 7.99
CA VAL A 258 10.89 2.52 8.93
C VAL A 258 11.87 1.40 8.56
N LEU A 259 12.04 1.16 7.26
CA LEU A 259 12.92 0.10 6.78
C LEU A 259 14.37 0.43 7.12
N LEU A 260 14.77 1.66 6.84
CA LEU A 260 16.15 2.10 7.06
C LEU A 260 16.55 2.17 8.54
N PHE A 261 15.63 2.66 9.36
CA PHE A 261 15.99 3.07 10.71
C PHE A 261 15.32 2.24 11.83
N GLY A 262 14.31 1.45 11.47
CA GLY A 262 13.61 0.66 12.47
C GLY A 262 12.69 1.50 13.34
N ARG A 263 12.55 2.77 12.98
CA ARG A 263 11.72 3.70 13.75
C ARG A 263 10.76 4.44 12.82
N TYR A 264 9.66 4.92 13.38
CA TYR A 264 8.70 5.68 12.57
C TYR A 264 9.20 7.09 12.29
N MET A 265 8.77 7.65 11.16
CA MET A 265 9.26 8.95 10.72
C MET A 265 8.61 10.12 11.46
N GLU A 266 9.44 11.00 11.99
CA GLU A 266 8.98 12.30 12.44
C GLU A 266 9.60 13.33 11.52
N VAL A 267 8.75 14.18 10.98
CA VAL A 267 9.15 15.17 10.01
C VAL A 267 9.27 16.57 10.65
N VAL A 268 10.35 17.28 10.36
CA VAL A 268 10.53 18.66 10.85
C VAL A 268 11.13 19.51 9.73
N GLN A 269 11.05 20.83 9.87
CA GLN A 269 11.73 21.73 8.95
C GLN A 269 13.23 21.76 9.26
N ARG A 270 14.06 21.60 8.24
CA ARG A 270 15.50 21.67 8.43
C ARG A 270 15.92 23.11 8.70
N SER A 271 15.81 23.53 9.96
CA SER A 271 16.17 24.88 10.36
C SER A 271 17.58 25.22 9.89
N PRO A 272 17.78 26.44 9.38
CA PRO A 272 16.75 27.47 9.25
C PRO A 272 16.14 27.51 7.85
N SER A 273 16.04 26.35 7.19
CA SER A 273 15.36 26.27 5.90
C SER A 273 13.87 26.04 6.10
N THR A 274 13.11 26.15 5.02
CA THR A 274 11.68 25.85 5.03
C THR A 274 11.47 24.45 4.48
N ILE A 275 12.58 23.72 4.33
CA ILE A 275 12.57 22.38 3.77
C ILE A 275 12.30 21.34 4.85
N TRP A 276 11.35 20.44 4.57
CA TRP A 276 11.01 19.39 5.51
C TRP A 276 11.82 18.11 5.27
N MET A 277 12.39 17.57 6.34
CA MET A 277 13.15 16.33 6.27
C MET A 277 12.82 15.52 7.53
N PRO A 278 13.09 14.20 7.48
CA PRO A 278 12.94 13.44 8.72
C PRO A 278 13.86 13.97 9.80
N LYS A 279 13.46 13.83 11.05
CA LYS A 279 14.25 14.29 12.18
C LYS A 279 15.55 13.50 12.27
N THR A 280 15.51 12.26 11.79
CA THR A 280 16.64 11.35 11.82
C THR A 280 17.69 11.72 10.77
N ASN A 281 18.94 11.87 11.21
CA ASN A 281 20.05 12.07 10.29
C ASN A 281 20.46 10.76 9.62
N VAL A 282 20.48 10.75 8.30
CA VAL A 282 21.04 9.63 7.55
C VAL A 282 22.53 9.55 7.88
N PRO A 283 23.01 8.37 8.30
CA PRO A 283 24.44 8.21 8.64
C PRO A 283 25.35 8.56 7.45
N ARG A 284 26.46 9.24 7.70
CA ARG A 284 27.37 9.66 6.62
C ARG A 284 27.83 8.46 5.79
N TYR A 285 27.95 7.30 6.43
CA TYR A 285 28.44 6.13 5.74
C TYR A 285 27.37 5.45 4.87
N PHE A 286 26.11 5.82 5.07
CA PHE A 286 25.07 5.42 4.14
C PHE A 286 25.30 6.17 2.84
N GLN A 287 24.50 5.87 1.83
CA GLN A 287 24.54 6.66 0.62
C GLN A 287 23.75 7.93 0.91
N ARG A 288 24.35 8.79 1.73
CA ARG A 288 23.72 9.94 2.37
C ARG A 288 23.09 10.90 1.37
N THR A 289 23.89 11.36 0.42
CA THR A 289 23.43 12.29 -0.61
C THR A 289 22.24 11.70 -1.36
N MET A 290 22.29 10.40 -1.65
CA MET A 290 21.20 9.76 -2.38
C MET A 290 19.91 9.73 -1.57
N TRP A 291 20.00 9.25 -0.33
CA TRP A 291 18.81 9.17 0.53
C TRP A 291 18.26 10.56 0.80
N GLU A 292 19.14 11.52 1.04
CA GLU A 292 18.70 12.89 1.27
C GLU A 292 17.99 13.46 0.03
N ASN A 293 18.51 13.17 -1.16
CA ASN A 293 17.82 13.51 -2.41
C ASN A 293 16.42 12.93 -2.46
N ILE A 294 16.33 11.63 -2.22
CA ILE A 294 15.05 10.92 -2.28
C ILE A 294 14.04 11.49 -1.29
N PHE A 295 14.44 11.65 -0.03
CA PHE A 295 13.57 12.16 1.01
C PHE A 295 13.14 13.60 0.70
N ARG A 296 14.08 14.43 0.32
CA ARG A 296 13.79 15.84 0.04
C ARG A 296 12.85 16.01 -1.14
N THR A 297 13.08 15.22 -2.19
CA THR A 297 12.28 15.30 -3.41
C THR A 297 10.86 14.85 -3.17
N LEU A 298 10.69 13.79 -2.38
CA LEU A 298 9.37 13.23 -2.15
C LEU A 298 8.58 14.00 -1.10
N LEU A 299 9.28 14.70 -0.20
CA LEU A 299 8.61 15.46 0.86
C LEU A 299 8.32 16.90 0.48
N ASN A 300 9.10 17.45 -0.43
CA ASN A 300 9.00 18.87 -0.74
C ASN A 300 8.64 19.11 -2.18
N ILE A 301 7.33 19.18 -2.43
CA ILE A 301 6.78 19.33 -3.78
C ILE A 301 6.09 20.67 -3.91
N ARG A 302 6.36 21.37 -5.02
CA ARG A 302 5.94 22.77 -5.19
C ARG A 302 4.43 22.94 -5.20
N ASP A 303 3.74 22.16 -6.04
CA ASP A 303 2.30 22.28 -6.18
C ASP A 303 1.71 20.96 -6.69
N CYS A 304 0.39 20.92 -6.86
CA CYS A 304 -0.29 19.69 -7.30
C CYS A 304 -0.24 19.52 -8.81
N ARG A 305 0.25 20.53 -9.51
CA ARG A 305 0.28 20.51 -10.95
C ARG A 305 1.30 19.51 -11.50
N THR A 306 2.46 19.44 -10.84
CA THR A 306 3.52 18.55 -11.28
C THR A 306 4.13 17.79 -10.09
N MET A 307 4.15 16.46 -10.20
CA MET A 307 4.78 15.62 -9.19
C MET A 307 6.24 15.35 -9.58
N PRO A 308 7.09 15.03 -8.60
CA PRO A 308 8.47 14.65 -8.93
C PRO A 308 8.53 13.39 -9.80
N ASN A 309 9.59 13.27 -10.60
CA ASN A 309 9.79 12.08 -11.43
C ASN A 309 10.24 10.89 -10.58
N LEU A 310 9.33 9.95 -10.32
CA LEU A 310 9.64 8.79 -9.50
C LEU A 310 10.63 7.84 -10.18
N GLN A 311 10.64 7.82 -11.51
CA GLN A 311 11.58 6.98 -12.24
C GLN A 311 13.02 7.46 -12.09
N GLN A 312 13.21 8.78 -12.03
CA GLN A 312 14.55 9.34 -11.79
C GLN A 312 15.07 8.90 -10.42
N LEU A 313 14.17 8.80 -9.46
CA LEU A 313 14.55 8.31 -8.13
C LEU A 313 14.93 6.84 -8.19
N ARG A 314 14.20 6.06 -8.98
CA ARG A 314 14.53 4.65 -9.16
C ARG A 314 15.92 4.54 -9.80
N THR A 315 16.20 5.41 -10.77
CA THR A 315 17.52 5.44 -11.40
C THR A 315 18.63 5.69 -10.38
N GLN A 316 18.38 6.59 -9.44
CA GLN A 316 19.38 6.91 -8.43
C GLN A 316 19.68 5.67 -7.60
N LEU A 317 18.63 4.95 -7.19
CA LEU A 317 18.78 3.74 -6.40
C LEU A 317 19.49 2.63 -7.17
N LYS A 318 19.15 2.46 -8.45
CA LYS A 318 19.78 1.43 -9.27
C LYS A 318 21.27 1.70 -9.43
N CYS A 319 21.64 2.98 -9.53
CA CYS A 319 23.05 3.36 -9.69
C CYS A 319 23.83 2.99 -8.43
N ALA A 320 23.23 3.20 -7.27
CA ALA A 320 23.88 2.87 -6.02
C ALA A 320 24.00 1.36 -5.88
N LEU A 321 22.93 0.65 -6.23
CA LEU A 321 22.93 -0.81 -6.21
C LEU A 321 24.00 -1.37 -7.14
N ALA A 322 24.20 -0.70 -8.27
CA ALA A 322 25.19 -1.13 -9.26
C ALA A 322 26.65 -0.99 -8.80
N GLU A 323 26.90 -0.10 -7.84
CA GLU A 323 28.27 0.11 -7.35
C GLU A 323 28.78 -1.07 -6.54
N LYS A 324 27.87 -1.89 -6.04
CA LYS A 324 28.24 -2.98 -5.15
C LYS A 324 27.48 -4.27 -5.47
N GLU A 325 27.54 -4.73 -6.72
CA GLU A 325 26.71 -5.85 -7.15
C GLU A 325 26.96 -7.13 -6.35
N LYS A 326 28.22 -7.39 -6.01
CA LYS A 326 28.57 -8.58 -5.24
C LYS A 326 27.99 -8.54 -3.82
N TYR A 327 28.20 -7.43 -3.12
CA TYR A 327 27.63 -7.25 -1.79
C TYR A 327 26.12 -7.37 -1.77
N VAL A 328 25.48 -6.76 -2.76
CA VAL A 328 24.02 -6.73 -2.83
C VAL A 328 23.44 -8.13 -3.00
N ALA A 329 24.08 -8.94 -3.84
CA ALA A 329 23.65 -10.32 -4.04
C ALA A 329 23.75 -11.10 -2.74
N GLU A 330 24.85 -10.89 -2.01
CA GLU A 330 25.04 -11.50 -0.69
C GLU A 330 23.97 -11.04 0.30
N ALA A 331 23.75 -9.73 0.36
CA ALA A 331 22.75 -9.18 1.28
C ALA A 331 21.34 -9.69 0.98
N ILE A 332 21.00 -9.77 -0.30
CA ILE A 332 19.70 -10.29 -0.71
C ILE A 332 19.59 -11.77 -0.34
N SER A 333 20.67 -12.50 -0.58
CA SER A 333 20.74 -13.92 -0.24
C SER A 333 20.49 -14.12 1.26
N LYS A 334 21.16 -13.33 2.08
CA LYS A 334 21.02 -13.39 3.53
C LYS A 334 19.61 -13.01 3.98
N PHE A 335 19.04 -12.00 3.31
CA PHE A 335 17.67 -11.56 3.59
C PHE A 335 16.67 -12.67 3.28
N ASN A 336 16.80 -13.27 2.10
CA ASN A 336 15.89 -14.33 1.69
C ASN A 336 15.97 -15.54 2.62
N THR A 337 17.18 -15.85 3.08
CA THR A 337 17.38 -16.95 4.02
C THR A 337 16.63 -16.72 5.33
N ILE A 338 16.64 -15.49 5.82
CA ILE A 338 15.92 -15.13 7.04
C ILE A 338 14.42 -15.32 6.84
N LEU A 339 13.94 -14.97 5.65
CA LEU A 339 12.54 -15.14 5.26
C LEU A 339 12.09 -16.60 5.24
N GLN A 340 12.99 -17.46 4.74
CA GLN A 340 12.68 -18.86 4.39
C GLN A 340 11.26 -19.07 3.87
#